data_5BOT
#
_entry.id   5BOT
#
_cell.length_a   134.641
_cell.length_b   35.953
_cell.length_c   95.824
_cell.angle_alpha   90.00
_cell.angle_beta   130.78
_cell.angle_gamma   90.00
#
_symmetry.space_group_name_H-M   'C 1 2 1'
#
loop_
_entity.id
_entity.type
_entity.pdbx_description
1 polymer 'Collagenase 3'
2 non-polymer 'ethyl 5-carbamoyl-1H-indole-2-carboxylate'
3 non-polymer 'ZINC ION'
4 non-polymer 'CALCIUM ION'
5 water water
#
_entity_poly.entity_id   1
_entity_poly.type   'polypeptide(L)'
_entity_poly.pdbx_seq_one_letter_code
;YNVFPRTLKWSKMNLTYRIVNYTPDMTHSEVEKAFKKAFKVWSDVTPLNFTRLHDGIADIMISFGIKEHGDFYPFDGPSG
LLAHAFPPGPNYGGDAHFDDDETWTSSSKGYNLFLVAAHEFGHSLGLDHSKDPGALMFPIYTYTGKSHFMLPDDDVQGIQ
SLYGPGDEDPN
;
_entity_poly.pdbx_strand_id   A,B
#
loop_
_chem_comp.id
_chem_comp.type
_chem_comp.name
_chem_comp.formula
4UM non-polymer 'ethyl 5-carbamoyl-1H-indole-2-carboxylate' 'C12 H12 N2 O3'
CA non-polymer 'CALCIUM ION' 'Ca 2'
ZN non-polymer 'ZINC ION' 'Zn 2'
#
# COMPACT_ATOMS: atom_id res chain seq x y z
N TYR A 1 -4.99 -4.63 19.72
CA TYR A 1 -4.91 -3.64 18.65
C TYR A 1 -3.58 -3.72 17.92
N ASN A 2 -3.52 -3.08 16.76
CA ASN A 2 -2.31 -3.01 15.99
C ASN A 2 -2.17 -1.64 15.32
N VAL A 3 -0.98 -1.06 15.44
CA VAL A 3 -0.64 0.18 14.77
C VAL A 3 0.06 -0.18 13.46
N PHE A 4 0.07 0.73 12.48
CA PHE A 4 0.79 0.48 11.23
C PHE A 4 2.30 0.50 11.43
N PRO A 5 3.00 -0.50 10.88
CA PRO A 5 4.46 -0.66 10.93
C PRO A 5 5.23 0.65 10.65
N ARG A 6 6.45 0.75 11.18
CA ARG A 6 7.25 1.97 11.07
C ARG A 6 7.64 2.31 9.62
N THR A 7 8.01 1.30 8.85
CA THR A 7 8.34 1.51 7.44
C THR A 7 7.65 0.46 6.57
N LEU A 8 7.43 0.79 5.31
CA LEU A 8 6.83 -0.13 4.34
C LEU A 8 7.61 -1.44 4.24
N LYS A 9 7.08 -2.51 4.84
CA LYS A 9 7.67 -3.82 4.64
C LYS A 9 6.59 -4.89 4.59
N TRP A 10 6.97 -6.08 4.14
CA TRP A 10 6.05 -7.21 4.13
C TRP A 10 5.98 -7.78 5.54
N SER A 11 4.79 -8.12 5.99
CA SER A 11 4.58 -8.64 7.33
C SER A 11 4.78 -10.15 7.39
N LYS A 12 5.09 -10.75 6.25
CA LYS A 12 5.31 -12.20 6.15
C LYS A 12 6.64 -12.44 5.46
N MET A 13 7.28 -13.56 5.74
CA MET A 13 8.60 -13.86 5.17
C MET A 13 8.47 -14.64 3.87
N ASN A 14 7.33 -15.27 3.67
CA ASN A 14 7.11 -16.10 2.48
C ASN A 14 6.32 -15.31 1.46
N LEU A 15 6.95 -14.98 0.35
CA LEU A 15 6.34 -14.14 -0.67
C LEU A 15 6.21 -14.91 -1.97
N THR A 16 5.24 -14.54 -2.79
CA THR A 16 5.05 -15.21 -4.07
C THR A 16 5.27 -14.21 -5.20
N TYR A 17 5.66 -14.70 -6.36
CA TYR A 17 5.75 -13.85 -7.52
C TYR A 17 5.16 -14.56 -8.71
N ARG A 18 4.77 -13.77 -9.72
CA ARG A 18 4.22 -14.34 -10.95
C ARG A 18 4.75 -13.54 -12.13
N ILE A 19 5.30 -14.24 -13.11
CA ILE A 19 5.71 -13.62 -14.36
C ILE A 19 4.49 -13.60 -15.28
N VAL A 20 3.85 -12.44 -15.36
CA VAL A 20 2.56 -12.31 -16.04
C VAL A 20 2.70 -12.44 -17.57
N ASN A 21 3.74 -11.84 -18.12
CA ASN A 21 4.03 -11.98 -19.54
C ASN A 21 5.53 -11.88 -19.78
N TYR A 22 5.94 -11.99 -21.03
CA TYR A 22 7.35 -12.15 -21.34
C TYR A 22 7.82 -11.22 -22.47
N THR A 23 9.02 -10.70 -22.31
CA THR A 23 9.65 -9.88 -23.34
C THR A 23 9.92 -10.70 -24.60
N PRO A 24 9.80 -10.07 -25.78
CA PRO A 24 10.22 -10.73 -27.02
C PRO A 24 11.71 -11.04 -27.03
N ASP A 25 12.49 -10.30 -26.24
CA ASP A 25 13.94 -10.26 -26.40
C ASP A 25 14.69 -11.52 -25.95
N MET A 26 14.08 -12.27 -25.02
CA MET A 26 14.75 -13.39 -24.39
C MET A 26 13.83 -14.61 -24.38
N THR A 27 14.39 -15.81 -24.29
CA THR A 27 13.56 -17.01 -24.15
C THR A 27 12.86 -16.99 -22.80
N HIS A 28 11.78 -17.77 -22.67
CA HIS A 28 11.09 -17.90 -21.38
C HIS A 28 12.05 -18.33 -20.28
N SER A 29 12.86 -19.34 -20.59
CA SER A 29 13.83 -19.88 -19.64
C SER A 29 14.82 -18.82 -19.13
N GLU A 30 15.35 -18.03 -20.07
CA GLU A 30 16.27 -16.92 -19.74
C GLU A 30 15.64 -15.93 -18.79
N VAL A 31 14.39 -15.58 -19.06
CA VAL A 31 13.68 -14.61 -18.24
C VAL A 31 13.41 -15.18 -16.84
N GLU A 32 12.99 -16.44 -16.80
CA GLU A 32 12.75 -17.11 -15.52
C GLU A 32 14.05 -17.22 -14.70
N LYS A 33 15.15 -17.53 -15.36
CA LYS A 33 16.44 -17.62 -14.67
C LYS A 33 16.89 -16.29 -14.07
N ALA A 34 16.72 -15.21 -14.84
CA ALA A 34 17.11 -13.88 -14.39
C ALA A 34 16.31 -13.46 -13.16
N PHE A 35 15.00 -13.68 -13.19
CA PHE A 35 14.14 -13.28 -12.08
C PHE A 35 14.40 -14.14 -10.85
N LYS A 36 14.62 -15.42 -11.06
CA LYS A 36 14.91 -16.33 -9.95
C LYS A 36 16.19 -15.91 -9.26
N LYS A 37 17.20 -15.56 -10.06
CA LYS A 37 18.49 -15.14 -9.51
C LYS A 37 18.40 -13.77 -8.83
N ALA A 38 17.59 -12.88 -9.38
CA ALA A 38 17.35 -11.57 -8.77
C ALA A 38 16.69 -11.68 -7.39
N PHE A 39 15.74 -12.59 -7.23
CA PHE A 39 15.14 -12.84 -5.91
C PHE A 39 16.14 -13.43 -4.93
N LYS A 40 17.01 -14.31 -5.43
CA LYS A 40 17.99 -14.97 -4.58
C LYS A 40 18.99 -13.98 -3.99
N VAL A 41 19.25 -12.89 -4.71
CA VAL A 41 20.08 -11.83 -4.18
C VAL A 41 19.61 -11.38 -2.80
N TRP A 42 18.29 -11.24 -2.67
CA TRP A 42 17.69 -10.76 -1.43
C TRP A 42 17.42 -11.88 -0.44
N SER A 43 16.95 -13.03 -0.91
CA SER A 43 16.71 -14.14 0.02
C SER A 43 18.00 -14.65 0.66
N ASP A 44 19.12 -14.53 -0.05
CA ASP A 44 20.41 -15.00 0.47
C ASP A 44 20.87 -14.22 1.71
N VAL A 45 20.32 -13.03 1.95
CA VAL A 45 20.79 -12.20 3.06
C VAL A 45 19.69 -11.77 4.05
N THR A 46 18.55 -12.44 3.98
CA THR A 46 17.41 -12.19 4.87
C THR A 46 16.74 -13.53 5.15
N PRO A 47 15.67 -13.54 5.96
CA PRO A 47 14.88 -14.77 6.07
C PRO A 47 13.80 -14.90 4.99
N LEU A 48 13.80 -14.04 3.97
CA LEU A 48 12.74 -14.08 2.95
C LEU A 48 12.80 -15.31 2.05
N ASN A 49 11.64 -15.82 1.67
CA ASN A 49 11.53 -16.92 0.74
C ASN A 49 10.62 -16.48 -0.40
N PHE A 50 10.94 -16.89 -1.62
CA PHE A 50 10.14 -16.53 -2.78
C PHE A 50 9.71 -17.78 -3.53
N THR A 51 8.42 -17.87 -3.81
CA THR A 51 7.87 -18.98 -4.56
C THR A 51 7.19 -18.44 -5.80
N ARG A 52 7.44 -19.07 -6.95
CA ARG A 52 6.81 -18.65 -8.20
C ARG A 52 5.41 -19.25 -8.38
N LEU A 53 4.48 -18.41 -8.80
CA LEU A 53 3.12 -18.84 -9.20
C LEU A 53 3.02 -18.69 -10.70
N HIS A 54 2.35 -19.64 -11.37
CA HIS A 54 2.20 -19.54 -12.81
C HIS A 54 0.94 -18.76 -13.18
N ASP A 55 -0.04 -18.75 -12.29
CA ASP A 55 -1.28 -18.02 -12.52
C ASP A 55 -1.84 -17.50 -11.20
N GLY A 56 -2.92 -16.74 -11.26
CA GLY A 56 -3.54 -16.21 -10.06
C GLY A 56 -2.81 -15.00 -9.51
N ILE A 57 -3.12 -14.65 -8.26
CA ILE A 57 -2.60 -13.42 -7.68
C ILE A 57 -1.42 -13.68 -6.76
N ALA A 58 -0.25 -13.19 -7.17
CA ALA A 58 0.97 -13.29 -6.39
C ALA A 58 1.22 -11.95 -5.71
N ASP A 59 2.04 -11.95 -4.67
CA ASP A 59 2.41 -10.72 -4.00
C ASP A 59 3.11 -9.79 -4.99
N ILE A 60 4.07 -10.34 -5.71
CA ILE A 60 4.86 -9.55 -6.64
C ILE A 60 4.52 -9.93 -8.06
N MET A 61 3.69 -9.12 -8.72
CA MET A 61 3.27 -9.39 -10.09
C MET A 61 4.28 -8.71 -11.02
N ILE A 62 4.84 -9.50 -11.95
CA ILE A 62 5.88 -9.01 -12.85
C ILE A 62 5.38 -8.97 -14.28
N SER A 63 5.58 -7.84 -14.95
CA SER A 63 5.13 -7.74 -16.32
C SER A 63 5.97 -6.79 -17.15
N PHE A 64 5.90 -7.02 -18.45
CA PHE A 64 6.55 -6.18 -19.45
C PHE A 64 5.45 -5.39 -20.17
N GLY A 65 5.65 -4.09 -20.31
CA GLY A 65 4.65 -3.24 -20.96
C GLY A 65 5.32 -2.07 -21.65
N ILE A 66 4.55 -1.33 -22.44
CA ILE A 66 5.06 -0.12 -23.06
C ILE A 66 4.09 1.01 -22.81
N LYS A 67 4.60 2.24 -22.84
CA LYS A 67 3.75 3.42 -22.73
C LYS A 67 2.76 3.29 -21.57
N GLU A 68 1.48 3.56 -21.81
CA GLU A 68 0.47 3.38 -20.77
C GLU A 68 0.17 1.90 -20.58
N HIS A 69 0.32 1.41 -19.35
CA HIS A 69 0.19 -0.02 -19.12
C HIS A 69 -0.59 -0.34 -17.83
N GLY A 70 -1.27 0.65 -17.28
CA GLY A 70 -2.22 0.42 -16.20
C GLY A 70 -1.89 1.03 -14.85
N ASP A 71 -1.07 2.07 -14.84
CA ASP A 71 -0.77 2.78 -13.61
C ASP A 71 -0.45 4.24 -13.89
N PHE A 72 0.02 4.97 -12.88
CA PHE A 72 0.36 6.39 -13.05
C PHE A 72 1.79 6.62 -13.55
N TYR A 73 2.42 5.57 -14.06
CA TYR A 73 3.82 5.67 -14.45
C TYR A 73 4.06 5.12 -15.85
N PRO A 74 3.48 5.78 -16.85
CA PRO A 74 3.63 5.34 -18.24
C PRO A 74 5.10 5.28 -18.64
N PHE A 75 5.46 4.30 -19.45
CA PHE A 75 6.81 4.22 -19.97
C PHE A 75 6.93 5.19 -21.14
N ASP A 76 8.14 5.32 -21.68
CA ASP A 76 8.46 6.42 -22.56
C ASP A 76 9.17 6.03 -23.85
N GLY A 77 8.95 4.83 -24.35
CA GLY A 77 9.64 4.39 -25.55
C GLY A 77 11.10 4.04 -25.25
N PRO A 78 11.93 3.89 -26.29
CA PRO A 78 13.32 3.46 -26.03
C PRO A 78 14.12 4.47 -25.20
N SER A 79 15.00 3.97 -24.33
CA SER A 79 15.86 4.79 -23.49
C SER A 79 15.07 5.50 -22.39
N GLY A 80 15.74 6.30 -21.56
CA GLY A 80 15.06 6.95 -20.46
C GLY A 80 14.71 5.95 -19.36
N LEU A 81 13.42 5.90 -19.01
CA LEU A 81 12.93 4.98 -17.99
C LEU A 81 13.07 3.54 -18.47
N LEU A 82 13.53 2.65 -17.59
CA LEU A 82 13.74 1.26 -17.96
C LEU A 82 12.73 0.34 -17.26
N ALA A 83 12.42 0.68 -16.01
CA ALA A 83 11.60 -0.19 -15.17
C ALA A 83 11.19 0.58 -13.93
N HIS A 84 10.19 0.05 -13.22
CA HIS A 84 9.87 0.56 -11.88
C HIS A 84 9.14 -0.50 -11.08
N ALA A 85 9.11 -0.33 -9.77
CA ALA A 85 8.46 -1.29 -8.89
C ALA A 85 7.83 -0.53 -7.74
N PHE A 86 6.74 -1.08 -7.20
CA PHE A 86 5.98 -0.44 -6.13
C PHE A 86 6.39 -0.98 -4.77
N PRO A 87 6.36 -0.14 -3.73
CA PRO A 87 6.72 -0.60 -2.37
C PRO A 87 5.73 -1.62 -1.85
N PRO A 88 6.12 -2.36 -0.81
CA PRO A 88 5.23 -3.38 -0.23
C PRO A 88 3.85 -2.82 0.08
N GLY A 89 2.83 -3.59 -0.26
CA GLY A 89 1.47 -3.15 -0.01
C GLY A 89 0.51 -4.04 -0.78
N PRO A 90 -0.79 -3.81 -0.62
CA PRO A 90 -1.78 -4.63 -1.31
C PRO A 90 -1.86 -4.27 -2.79
N ASN A 91 -2.45 -5.14 -3.59
CA ASN A 91 -2.74 -4.83 -4.99
C ASN A 91 -1.48 -4.52 -5.79
N TYR A 92 -1.32 -3.31 -6.34
CA TYR A 92 -0.10 -3.01 -7.10
C TYR A 92 1.18 -2.99 -6.25
N GLY A 93 1.03 -2.95 -4.92
CA GLY A 93 2.18 -2.98 -4.04
C GLY A 93 3.10 -4.14 -4.37
N GLY A 94 4.41 -3.90 -4.36
CA GLY A 94 5.36 -4.96 -4.65
C GLY A 94 5.56 -5.31 -6.11
N ASP A 95 4.65 -4.84 -6.98
CA ASP A 95 4.69 -5.25 -8.39
C ASP A 95 5.85 -4.57 -9.11
N ALA A 96 6.35 -5.22 -10.16
CA ALA A 96 7.50 -4.70 -10.91
C ALA A 96 7.21 -4.72 -12.40
N HIS A 97 7.43 -3.57 -13.05
CA HIS A 97 7.12 -3.41 -14.47
C HIS A 97 8.37 -3.06 -15.23
N PHE A 98 8.53 -3.68 -16.40
CA PHE A 98 9.71 -3.46 -17.23
C PHE A 98 9.29 -2.94 -18.58
N ASP A 99 9.99 -1.91 -19.04
CA ASP A 99 9.66 -1.25 -20.29
C ASP A 99 10.13 -2.11 -21.45
N ASP A 100 9.19 -2.66 -22.20
CA ASP A 100 9.56 -3.53 -23.29
C ASP A 100 9.91 -2.78 -24.58
N ASP A 101 10.04 -1.46 -24.52
CA ASP A 101 10.66 -0.74 -25.62
C ASP A 101 12.19 -0.70 -25.45
N GLU A 102 12.67 -1.34 -24.39
CA GLU A 102 14.11 -1.53 -24.18
C GLU A 102 14.51 -2.93 -24.63
N THR A 103 15.79 -3.14 -24.92
CA THR A 103 16.28 -4.47 -25.22
C THR A 103 16.81 -5.13 -23.95
N TRP A 104 16.12 -6.17 -23.51
CA TRP A 104 16.50 -6.93 -22.31
C TRP A 104 17.38 -8.10 -22.67
N THR A 105 18.44 -8.34 -21.90
CA THR A 105 19.38 -9.41 -22.23
C THR A 105 19.80 -10.19 -21.01
N SER A 106 20.44 -11.33 -21.24
CA SER A 106 21.15 -12.01 -20.16
C SER A 106 22.66 -11.84 -20.38
N SER A 107 23.04 -10.76 -21.03
CA SER A 107 24.46 -10.46 -21.26
C SER A 107 24.81 -9.03 -20.87
N SER A 108 25.92 -8.54 -21.41
CA SER A 108 26.39 -7.18 -21.19
C SER A 108 25.79 -6.21 -22.20
N LYS A 109 25.10 -6.76 -23.20
CA LYS A 109 24.48 -5.95 -24.23
C LYS A 109 23.12 -5.46 -23.73
N GLY A 110 22.61 -4.39 -24.32
CA GLY A 110 21.31 -3.87 -23.94
C GLY A 110 21.24 -3.62 -22.44
N TYR A 111 20.14 -4.01 -21.81
CA TYR A 111 20.03 -3.92 -20.36
C TYR A 111 19.88 -5.31 -19.77
N ASN A 112 20.78 -5.62 -18.85
CA ASN A 112 20.77 -6.95 -18.25
C ASN A 112 19.56 -7.10 -17.33
N LEU A 113 18.67 -8.02 -17.68
CA LEU A 113 17.42 -8.17 -16.94
C LEU A 113 17.64 -8.53 -15.47
N PHE A 114 18.58 -9.44 -15.20
CA PHE A 114 18.88 -9.81 -13.82
C PHE A 114 19.23 -8.59 -12.96
N LEU A 115 20.14 -7.75 -13.43
CA LEU A 115 20.57 -6.59 -12.66
C LEU A 115 19.45 -5.58 -12.42
N VAL A 116 18.69 -5.28 -13.47
CA VAL A 116 17.59 -4.33 -13.32
C VAL A 116 16.54 -4.91 -12.37
N ALA A 117 16.19 -6.17 -12.59
CA ALA A 117 15.23 -6.85 -11.70
C ALA A 117 15.72 -6.91 -10.25
N ALA A 118 17.00 -7.17 -10.04
CA ALA A 118 17.52 -7.23 -8.67
C ALA A 118 17.30 -5.88 -7.98
N HIS A 119 17.56 -4.80 -8.70
CA HIS A 119 17.30 -3.44 -8.22
C HIS A 119 15.81 -3.21 -7.97
N GLU A 120 14.98 -3.51 -8.96
CA GLU A 120 13.54 -3.31 -8.79
C GLU A 120 12.94 -4.11 -7.63
N PHE A 121 13.40 -5.33 -7.41
CA PHE A 121 12.89 -6.12 -6.28
C PHE A 121 13.29 -5.52 -4.93
N GLY A 122 14.38 -4.77 -4.90
CA GLY A 122 14.73 -4.01 -3.71
C GLY A 122 13.55 -3.12 -3.33
N HIS A 123 13.02 -2.40 -4.32
CA HIS A 123 11.83 -1.57 -4.12
C HIS A 123 10.64 -2.42 -3.69
N SER A 124 10.40 -3.52 -4.38
CA SER A 124 9.28 -4.41 -4.06
C SER A 124 9.28 -4.83 -2.59
N LEU A 125 10.47 -4.83 -1.98
CA LEU A 125 10.66 -5.30 -0.61
C LEU A 125 10.76 -4.16 0.39
N GLY A 126 10.84 -2.93 -0.11
CA GLY A 126 10.80 -1.78 0.77
C GLY A 126 12.02 -0.87 0.81
N LEU A 127 12.99 -1.10 -0.07
CA LEU A 127 14.13 -0.19 -0.18
C LEU A 127 13.86 0.91 -1.19
N ASP A 128 14.27 2.13 -0.87
CA ASP A 128 14.26 3.22 -1.82
C ASP A 128 15.66 3.35 -2.35
N HIS A 129 15.94 4.44 -3.08
CA HIS A 129 17.26 4.62 -3.66
C HIS A 129 18.33 4.97 -2.63
N SER A 130 19.55 4.52 -2.90
CA SER A 130 20.71 4.80 -2.07
C SER A 130 21.57 5.88 -2.72
N LYS A 131 22.29 6.66 -1.92
CA LYS A 131 23.23 7.64 -2.47
C LYS A 131 24.58 7.00 -2.80
N ASP A 132 24.80 5.76 -2.33
CA ASP A 132 26.04 5.03 -2.62
C ASP A 132 26.11 4.67 -4.10
N PRO A 133 27.03 5.30 -4.84
CA PRO A 133 27.16 5.11 -6.29
C PRO A 133 27.41 3.64 -6.66
N GLY A 134 27.88 2.86 -5.69
CA GLY A 134 28.17 1.46 -5.92
C GLY A 134 27.10 0.53 -5.39
N ALA A 135 26.06 1.09 -4.79
CA ALA A 135 24.95 0.31 -4.28
C ALA A 135 24.08 -0.23 -5.41
N LEU A 136 23.52 -1.42 -5.21
CA LEU A 136 22.53 -1.96 -6.14
C LEU A 136 21.34 -1.01 -6.25
N MET A 137 20.99 -0.36 -5.14
CA MET A 137 19.82 0.52 -5.11
C MET A 137 20.14 1.93 -5.62
N PHE A 138 21.36 2.13 -6.10
CA PHE A 138 21.68 3.34 -6.84
C PHE A 138 20.81 3.37 -8.10
N PRO A 139 20.20 4.54 -8.39
CA PRO A 139 19.16 4.66 -9.41
C PRO A 139 19.64 4.48 -10.86
N ILE A 140 20.92 4.66 -11.11
CA ILE A 140 21.41 4.63 -12.49
C ILE A 140 22.02 3.29 -12.91
N TYR A 141 21.57 2.77 -14.05
CA TYR A 141 21.98 1.44 -14.50
C TYR A 141 23.47 1.36 -14.76
N THR A 142 24.09 0.28 -14.31
CA THR A 142 25.45 -0.02 -14.70
C THR A 142 25.65 -1.53 -14.78
N TYR A 143 26.46 -1.98 -15.73
CA TYR A 143 26.61 -3.41 -15.93
C TYR A 143 27.80 -4.03 -15.20
N THR A 144 27.55 -5.13 -14.49
CA THR A 144 28.61 -5.91 -13.88
C THR A 144 28.44 -7.42 -14.16
N GLY A 145 29.44 -8.02 -14.81
CA GLY A 145 29.72 -9.44 -14.62
C GLY A 145 30.24 -9.35 -13.19
N PHE A 149 27.63 -11.17 -9.91
CA PHE A 149 27.23 -10.36 -8.75
C PHE A 149 27.62 -10.71 -7.31
N MET A 150 27.91 -9.65 -6.54
CA MET A 150 27.90 -9.69 -5.08
C MET A 150 27.17 -8.46 -4.53
N LEU A 151 26.17 -8.68 -3.67
CA LEU A 151 25.37 -7.58 -3.13
C LEU A 151 26.22 -6.66 -2.26
N PRO A 152 26.27 -5.36 -2.63
CA PRO A 152 27.08 -4.40 -1.88
C PRO A 152 26.59 -4.27 -0.45
N ASP A 153 27.47 -3.86 0.45
CA ASP A 153 27.11 -3.81 1.85
C ASP A 153 26.00 -2.81 2.17
N ASP A 154 25.96 -1.70 1.45
CA ASP A 154 24.90 -0.73 1.71
C ASP A 154 23.53 -1.40 1.55
N ASP A 155 23.38 -2.23 0.52
CA ASP A 155 22.10 -2.89 0.26
C ASP A 155 21.84 -3.98 1.30
N VAL A 156 22.89 -4.68 1.70
CA VAL A 156 22.77 -5.68 2.76
C VAL A 156 22.25 -5.03 4.03
N GLN A 157 22.90 -3.94 4.45
CA GLN A 157 22.44 -3.23 5.65
C GLN A 157 20.99 -2.76 5.53
N GLY A 158 20.63 -2.23 4.37
CA GLY A 158 19.28 -1.75 4.18
C GLY A 158 18.24 -2.85 4.32
N ILE A 159 18.42 -3.93 3.58
CA ILE A 159 17.40 -4.98 3.57
C ILE A 159 17.34 -5.70 4.93
N GLN A 160 18.48 -5.81 5.60
CA GLN A 160 18.48 -6.45 6.92
C GLN A 160 17.88 -5.54 7.99
N SER A 161 17.88 -4.23 7.73
CA SER A 161 17.26 -3.30 8.68
C SER A 161 15.76 -3.54 8.69
N LEU A 162 15.24 -4.05 7.59
CA LEU A 162 13.81 -4.33 7.46
C LEU A 162 13.45 -5.75 7.91
N TYR A 163 14.22 -6.74 7.46
CA TYR A 163 13.81 -8.15 7.63
C TYR A 163 14.74 -8.99 8.50
N GLY A 164 15.80 -8.39 8.99
CA GLY A 164 16.84 -9.16 9.66
C GLY A 164 17.69 -9.97 8.67
N PRO A 165 18.71 -10.67 9.19
CA PRO A 165 19.68 -11.35 8.32
C PRO A 165 19.32 -12.79 7.95
N GLY A 166 18.33 -13.39 8.60
CA GLY A 166 18.05 -14.80 8.39
C GLY A 166 19.25 -15.58 8.92
N ASP A 167 19.51 -16.75 8.37
CA ASP A 167 20.65 -17.57 8.77
C ASP A 167 21.93 -16.86 8.35
N GLU A 168 22.76 -16.53 9.33
CA GLU A 168 23.94 -15.72 9.06
C GLU A 168 25.08 -16.49 8.43
N ASP A 169 25.05 -17.82 8.56
CA ASP A 169 26.08 -18.66 7.97
C ASP A 169 25.46 -19.85 7.26
N TYR B 1 21.83 3.77 2.56
CA TYR B 1 20.56 3.25 2.03
C TYR B 1 19.36 4.07 2.50
N ASN B 2 18.22 3.81 1.90
CA ASN B 2 16.98 4.45 2.29
C ASN B 2 15.84 3.47 2.27
N VAL B 3 14.95 3.57 3.24
CA VAL B 3 13.74 2.78 3.22
C VAL B 3 12.58 3.71 2.91
N PHE B 4 11.40 3.15 2.70
CA PHE B 4 10.19 3.95 2.56
C PHE B 4 9.60 4.18 3.94
N PRO B 5 9.82 5.40 4.49
CA PRO B 5 9.36 5.73 5.85
C PRO B 5 7.84 5.85 5.91
N ARG B 6 7.23 5.19 6.89
CA ARG B 6 5.79 5.31 7.13
C ARG B 6 5.51 6.40 8.17
N THR B 7 4.49 7.20 7.91
CA THR B 7 4.03 8.20 8.87
C THR B 7 3.12 7.52 9.89
N LEU B 8 3.72 7.01 10.96
CA LEU B 8 3.00 6.20 11.95
C LEU B 8 1.81 6.93 12.56
N LYS B 9 1.83 8.25 12.47
CA LYS B 9 0.78 9.07 13.02
C LYS B 9 0.89 10.45 12.41
N TRP B 10 -0.21 11.19 12.46
CA TRP B 10 -0.21 12.57 12.02
C TRP B 10 0.69 13.38 12.95
N SER B 11 1.47 14.29 12.36
CA SER B 11 2.40 15.14 13.10
C SER B 11 1.70 16.25 13.85
N LYS B 12 0.45 16.51 13.45
CA LYS B 12 -0.34 17.59 14.02
C LYS B 12 -1.62 17.00 14.61
N MET B 13 -2.19 17.68 15.58
CA MET B 13 -3.39 17.22 16.25
C MET B 13 -4.65 17.76 15.59
N ASN B 14 -4.51 18.86 14.86
CA ASN B 14 -5.65 19.48 14.19
C ASN B 14 -5.69 19.06 12.72
N LEU B 15 -6.70 18.28 12.36
CA LEU B 15 -6.80 17.71 11.03
C LEU B 15 -8.05 18.26 10.38
N THR B 16 -8.02 18.37 9.06
CA THR B 16 -9.19 18.84 8.34
C THR B 16 -9.71 17.71 7.48
N TYR B 17 -11.00 17.73 7.17
CA TYR B 17 -11.57 16.77 6.24
C TYR B 17 -12.54 17.48 5.29
N ARG B 18 -12.73 16.90 4.12
CA ARG B 18 -13.68 17.43 3.17
C ARG B 18 -14.50 16.30 2.57
N ILE B 19 -15.81 16.47 2.53
CA ILE B 19 -16.69 15.51 1.87
C ILE B 19 -16.77 15.98 0.43
N VAL B 20 -16.08 15.29 -0.46
CA VAL B 20 -15.92 15.73 -1.85
C VAL B 20 -17.21 15.52 -2.64
N ASN B 21 -17.87 14.40 -2.40
CA ASN B 21 -19.17 14.13 -3.01
C ASN B 21 -20.02 13.24 -2.11
N TYR B 22 -21.24 12.92 -2.57
CA TYR B 22 -22.22 12.31 -1.69
C TYR B 22 -22.86 11.10 -2.34
N THR B 23 -23.17 10.09 -1.54
CA THR B 23 -23.83 8.90 -2.06
C THR B 23 -25.30 9.19 -2.36
N PRO B 24 -25.87 8.49 -3.35
CA PRO B 24 -27.30 8.63 -3.63
C PRO B 24 -28.17 8.07 -2.48
N ASP B 25 -27.57 7.24 -1.65
CA ASP B 25 -28.30 6.40 -0.70
C ASP B 25 -28.88 7.12 0.52
N MET B 26 -28.33 8.28 0.85
CA MET B 26 -28.68 8.99 2.08
C MET B 26 -28.79 10.48 1.79
N THR B 27 -29.44 11.25 2.65
CA THR B 27 -29.51 12.70 2.45
C THR B 27 -28.15 13.32 2.75
N HIS B 28 -27.88 14.50 2.21
CA HIS B 28 -26.64 15.21 2.53
C HIS B 28 -26.48 15.29 4.05
N SER B 29 -27.56 15.63 4.73
CA SER B 29 -27.54 15.80 6.18
C SER B 29 -27.16 14.50 6.91
N GLU B 30 -27.69 13.38 6.44
CA GLU B 30 -27.37 12.09 7.06
C GLU B 30 -25.90 11.73 6.88
N VAL B 31 -25.37 12.03 5.70
CA VAL B 31 -23.98 11.73 5.41
C VAL B 31 -23.07 12.59 6.28
N GLU B 32 -23.41 13.87 6.38
CA GLU B 32 -22.64 14.80 7.19
C GLU B 32 -22.61 14.38 8.64
N LYS B 33 -23.77 13.98 9.16
CA LYS B 33 -23.90 13.56 10.55
C LYS B 33 -23.13 12.27 10.82
N ALA B 34 -23.20 11.33 9.90
CA ALA B 34 -22.46 10.07 10.04
C ALA B 34 -20.95 10.29 10.11
N PHE B 35 -20.41 11.12 9.22
CA PHE B 35 -18.97 11.38 9.22
C PHE B 35 -18.55 12.17 10.47
N LYS B 36 -19.36 13.14 10.87
CA LYS B 36 -19.06 13.94 12.05
C LYS B 36 -18.99 13.05 13.29
N LYS B 37 -19.94 12.13 13.39
CA LYS B 37 -20.00 11.19 14.49
C LYS B 37 -18.83 10.20 14.43
N ALA B 38 -18.47 9.75 13.24
CA ALA B 38 -17.33 8.84 13.08
C ALA B 38 -16.01 9.47 13.53
N PHE B 39 -15.78 10.74 13.20
CA PHE B 39 -14.59 11.44 13.68
C PHE B 39 -14.60 11.63 15.20
N LYS B 40 -15.77 11.88 15.74
CA LYS B 40 -15.93 12.15 17.17
C LYS B 40 -15.58 10.91 18.00
N VAL B 41 -15.77 9.73 17.42
CA VAL B 41 -15.35 8.49 18.06
C VAL B 41 -13.88 8.58 18.51
N TRP B 42 -13.04 9.09 17.62
CA TRP B 42 -11.60 9.14 17.84
C TRP B 42 -11.15 10.41 18.56
N SER B 43 -11.84 11.52 18.33
CA SER B 43 -11.45 12.78 18.96
C SER B 43 -11.87 12.81 20.43
N ASP B 44 -12.88 12.00 20.77
CA ASP B 44 -13.35 11.92 22.15
C ASP B 44 -12.31 11.29 23.08
N VAL B 45 -11.40 10.50 22.53
CA VAL B 45 -10.43 9.79 23.38
C VAL B 45 -8.97 10.14 23.10
N THR B 46 -8.76 11.25 22.38
CA THR B 46 -7.41 11.71 22.03
C THR B 46 -7.42 13.23 21.95
N PRO B 47 -6.25 13.84 21.75
CA PRO B 47 -6.23 15.30 21.56
C PRO B 47 -6.56 15.70 20.12
N LEU B 48 -6.86 14.73 19.26
CA LEU B 48 -7.17 15.03 17.86
C LEU B 48 -8.41 15.90 17.73
N ASN B 49 -8.36 16.87 16.84
CA ASN B 49 -9.52 17.68 16.53
C ASN B 49 -9.77 17.57 15.03
N PHE B 50 -11.03 17.60 14.62
CA PHE B 50 -11.36 17.50 13.21
C PHE B 50 -12.25 18.65 12.75
N THR B 51 -11.82 19.39 11.75
CA THR B 51 -12.65 20.44 11.19
C THR B 51 -12.96 20.20 9.71
N ARG B 52 -14.18 20.50 9.32
CA ARG B 52 -14.63 20.26 7.96
C ARG B 52 -14.34 21.47 7.07
N LEU B 53 -13.72 21.23 5.92
CA LEU B 53 -13.53 22.25 4.89
C LEU B 53 -14.49 21.92 3.75
N HIS B 54 -15.01 22.95 3.11
CA HIS B 54 -15.95 22.77 2.01
C HIS B 54 -15.28 22.85 0.64
N ASP B 55 -14.05 23.34 0.62
CA ASP B 55 -13.39 23.66 -0.62
C ASP B 55 -11.91 23.38 -0.48
N GLY B 56 -11.26 23.08 -1.60
CA GLY B 56 -9.83 22.92 -1.62
C GLY B 56 -9.36 21.65 -0.96
N ILE B 57 -8.07 21.59 -0.67
CA ILE B 57 -7.44 20.39 -0.15
C ILE B 57 -7.55 20.33 1.38
N ALA B 58 -7.88 19.15 1.87
CA ALA B 58 -7.99 18.90 3.30
C ALA B 58 -7.18 17.66 3.59
N ASP B 59 -6.78 17.45 4.86
CA ASP B 59 -5.96 16.29 5.22
C ASP B 59 -6.66 14.98 4.85
N ILE B 60 -7.91 14.83 5.26
CA ILE B 60 -8.66 13.62 4.97
C ILE B 60 -9.73 13.94 3.94
N MET B 61 -9.48 13.56 2.68
CA MET B 61 -10.45 13.77 1.62
C MET B 61 -11.36 12.55 1.56
N ILE B 62 -12.67 12.79 1.66
CA ILE B 62 -13.64 11.72 1.69
C ILE B 62 -14.47 11.73 0.41
N SER B 63 -14.61 10.57 -0.23
CA SER B 63 -15.47 10.52 -1.40
C SER B 63 -16.08 9.14 -1.63
N PHE B 64 -17.10 9.12 -2.48
CA PHE B 64 -17.79 7.91 -2.86
C PHE B 64 -17.48 7.66 -4.32
N GLY B 65 -17.17 6.43 -4.68
CA GLY B 65 -16.84 6.12 -6.05
C GLY B 65 -17.13 4.67 -6.33
N ILE B 66 -16.98 4.27 -7.59
CA ILE B 66 -17.19 2.88 -7.95
C ILE B 66 -16.04 2.42 -8.85
N LYS B 67 -15.80 1.12 -8.88
CA LYS B 67 -14.81 0.54 -9.77
C LYS B 67 -13.48 1.31 -9.71
N GLU B 68 -12.90 1.62 -10.86
CA GLU B 68 -11.67 2.42 -10.87
C GLU B 68 -12.04 3.88 -10.68
N HIS B 69 -11.54 4.48 -9.60
CA HIS B 69 -11.98 5.81 -9.21
C HIS B 69 -10.84 6.79 -8.98
N GLY B 70 -9.64 6.42 -9.43
CA GLY B 70 -8.54 7.38 -9.50
C GLY B 70 -7.31 7.03 -8.71
N ASP B 71 -7.26 5.84 -8.12
CA ASP B 71 -6.08 5.47 -7.34
C ASP B 71 -5.54 4.08 -7.66
N PHE B 72 -6.15 3.42 -8.63
CA PHE B 72 -5.75 2.07 -9.03
C PHE B 72 -5.90 1.01 -7.92
N TYR B 73 -6.71 1.33 -6.91
CA TYR B 73 -7.25 0.33 -5.99
C TYR B 73 -8.75 0.26 -6.26
N PRO B 74 -9.14 -0.36 -7.39
CA PRO B 74 -10.54 -0.27 -7.81
C PRO B 74 -11.46 -1.02 -6.86
N PHE B 75 -12.70 -0.55 -6.77
CA PHE B 75 -13.73 -1.26 -6.05
C PHE B 75 -14.30 -2.32 -7.00
N ASP B 76 -15.23 -3.12 -6.49
CA ASP B 76 -15.57 -4.39 -7.12
C ASP B 76 -17.06 -4.63 -7.26
N GLY B 77 -17.84 -3.56 -7.36
CA GLY B 77 -19.29 -3.69 -7.47
C GLY B 77 -19.87 -4.10 -6.14
N PRO B 78 -21.15 -4.52 -6.11
CA PRO B 78 -21.78 -4.83 -4.83
C PRO B 78 -21.04 -5.94 -4.08
N SER B 79 -20.98 -5.83 -2.76
CA SER B 79 -20.36 -6.85 -1.89
C SER B 79 -18.84 -6.83 -1.97
N GLY B 80 -18.18 -7.72 -1.23
CA GLY B 80 -16.73 -7.71 -1.20
C GLY B 80 -16.20 -6.45 -0.53
N LEU B 81 -15.30 -5.74 -1.20
CA LEU B 81 -14.72 -4.51 -0.66
C LEU B 81 -15.80 -3.47 -0.43
N LEU B 82 -15.82 -2.85 0.75
CA LEU B 82 -16.82 -1.84 1.04
C LEU B 82 -16.26 -0.43 0.94
N ALA B 83 -14.98 -0.29 1.29
CA ALA B 83 -14.37 1.02 1.43
C ALA B 83 -12.91 0.79 1.74
N HIS B 84 -12.10 1.83 1.59
CA HIS B 84 -10.71 1.74 2.03
C HIS B 84 -10.19 3.12 2.37
N ALA B 85 -9.15 3.16 3.19
CA ALA B 85 -8.59 4.42 3.64
C ALA B 85 -7.09 4.30 3.65
N PHE B 86 -6.41 5.39 3.29
CA PHE B 86 -4.95 5.41 3.27
C PHE B 86 -4.40 5.77 4.65
N PRO B 87 -3.26 5.18 5.03
CA PRO B 87 -2.63 5.54 6.31
C PRO B 87 -2.20 7.00 6.32
N PRO B 88 -1.89 7.54 7.51
CA PRO B 88 -1.49 8.94 7.63
C PRO B 88 -0.35 9.29 6.68
N GLY B 89 -0.38 10.51 6.15
CA GLY B 89 0.63 10.95 5.21
C GLY B 89 0.10 12.03 4.30
N PRO B 90 0.96 12.53 3.39
CA PRO B 90 0.60 13.60 2.47
C PRO B 90 -0.20 13.08 1.29
N ASN B 91 -0.81 13.98 0.52
CA ASN B 91 -1.52 13.60 -0.68
C ASN B 91 -2.63 12.61 -0.35
N TYR B 92 -2.60 11.42 -0.93
CA TYR B 92 -3.67 10.44 -0.70
C TYR B 92 -3.74 9.96 0.76
N GLY B 93 -2.64 10.10 1.50
CA GLY B 93 -2.61 9.64 2.87
C GLY B 93 -3.78 10.17 3.68
N GLY B 94 -4.40 9.33 4.49
CA GLY B 94 -5.53 9.76 5.30
C GLY B 94 -6.87 9.70 4.58
N ASP B 95 -6.84 9.76 3.24
CA ASP B 95 -8.07 9.83 2.45
C ASP B 95 -8.92 8.56 2.59
N ALA B 96 -10.24 8.73 2.51
CA ALA B 96 -11.18 7.62 2.69
C ALA B 96 -12.14 7.53 1.52
N HIS B 97 -12.25 6.35 0.94
CA HIS B 97 -13.11 6.15 -0.22
C HIS B 97 -14.16 5.08 0.07
N PHE B 98 -15.39 5.35 -0.32
CA PHE B 98 -16.50 4.44 -0.05
C PHE B 98 -17.09 3.94 -1.36
N ASP B 99 -17.28 2.62 -1.45
CA ASP B 99 -17.78 1.99 -2.67
C ASP B 99 -19.27 2.26 -2.79
N ASP B 100 -19.66 3.05 -3.78
CA ASP B 100 -21.07 3.36 -3.90
C ASP B 100 -21.87 2.28 -4.63
N ASP B 101 -21.23 1.15 -4.90
CA ASP B 101 -21.99 -0.01 -5.34
C ASP B 101 -22.56 -0.77 -4.14
N GLU B 102 -22.17 -0.33 -2.95
CA GLU B 102 -22.79 -0.79 -1.69
C GLU B 102 -23.95 0.14 -1.36
N THR B 103 -24.91 -0.34 -0.58
CA THR B 103 -26.00 0.53 -0.15
C THR B 103 -25.70 1.05 1.25
N TRP B 104 -25.55 2.37 1.34
CA TRP B 104 -25.17 3.03 2.59
C TRP B 104 -26.39 3.55 3.29
N THR B 105 -26.39 3.44 4.62
CA THR B 105 -27.59 3.79 5.35
C THR B 105 -27.28 4.47 6.67
N SER B 106 -28.24 5.26 7.15
CA SER B 106 -28.14 5.83 8.48
C SER B 106 -28.65 4.83 9.51
N SER B 107 -29.28 3.75 9.05
CA SER B 107 -29.72 2.71 9.98
C SER B 107 -29.09 1.37 9.66
N SER B 108 -29.93 0.36 9.41
CA SER B 108 -29.42 -1.00 9.21
C SER B 108 -29.76 -1.59 7.84
N LYS B 109 -30.43 -0.80 7.00
CA LYS B 109 -30.82 -1.29 5.67
C LYS B 109 -29.66 -1.17 4.68
N GLY B 110 -28.69 -2.06 4.80
CA GLY B 110 -27.45 -1.94 4.06
C GLY B 110 -26.29 -1.82 5.03
N TYR B 111 -25.28 -1.05 4.65
CA TYR B 111 -24.13 -0.85 5.53
C TYR B 111 -24.22 0.51 6.21
N ASN B 112 -24.17 0.49 7.53
CA ASN B 112 -24.27 1.73 8.29
C ASN B 112 -23.02 2.57 8.04
N LEU B 113 -23.20 3.74 7.45
CA LEU B 113 -22.06 4.57 7.03
C LEU B 113 -21.23 5.03 8.23
N PHE B 114 -21.90 5.42 9.31
CA PHE B 114 -21.21 5.87 10.51
C PHE B 114 -20.19 4.84 10.99
N LEU B 115 -20.62 3.59 11.10
CA LEU B 115 -19.78 2.52 11.62
C LEU B 115 -18.62 2.20 10.70
N VAL B 116 -18.91 2.05 9.41
CA VAL B 116 -17.86 1.77 8.45
C VAL B 116 -16.85 2.93 8.41
N ALA B 117 -17.36 4.16 8.37
CA ALA B 117 -16.49 5.34 8.44
C ALA B 117 -15.63 5.37 9.69
N ALA B 118 -16.23 5.04 10.84
CA ALA B 118 -15.48 5.07 12.09
C ALA B 118 -14.33 4.08 11.99
N HIS B 119 -14.61 2.91 11.41
CA HIS B 119 -13.58 1.90 11.17
C HIS B 119 -12.49 2.42 10.24
N GLU B 120 -12.89 2.96 9.09
CA GLU B 120 -11.95 3.46 8.09
C GLU B 120 -11.12 4.63 8.60
N PHE B 121 -11.75 5.55 9.31
CA PHE B 121 -11.00 6.67 9.91
C PHE B 121 -9.93 6.15 10.88
N GLY B 122 -10.17 4.98 11.46
CA GLY B 122 -9.13 4.34 12.27
C GLY B 122 -7.86 4.13 11.46
N HIS B 123 -8.02 3.59 10.27
CA HIS B 123 -6.91 3.43 9.34
C HIS B 123 -6.33 4.81 8.97
N SER B 124 -7.22 5.76 8.69
CA SER B 124 -6.79 7.12 8.34
C SER B 124 -5.87 7.72 9.41
N LEU B 125 -6.02 7.25 10.64
CA LEU B 125 -5.27 7.84 11.76
C LEU B 125 -4.05 7.01 12.19
N GLY B 126 -3.90 5.81 11.63
CA GLY B 126 -2.71 5.01 11.87
C GLY B 126 -2.94 3.63 12.45
N LEU B 127 -4.21 3.23 12.61
CA LEU B 127 -4.51 1.92 13.17
C LEU B 127 -4.63 0.86 12.08
N ASP B 128 -4.09 -0.32 12.38
CA ASP B 128 -4.26 -1.46 11.49
C ASP B 128 -5.42 -2.29 12.03
N HIS B 129 -5.68 -3.43 11.41
CA HIS B 129 -6.73 -4.30 11.92
C HIS B 129 -6.34 -4.87 13.27
N SER B 130 -7.34 -5.00 14.13
CA SER B 130 -7.15 -5.62 15.42
C SER B 130 -7.48 -7.11 15.33
N LYS B 131 -6.85 -7.90 16.18
CA LYS B 131 -7.17 -9.32 16.29
C LYS B 131 -8.25 -9.57 17.33
N ASP B 132 -8.62 -8.52 18.07
CA ASP B 132 -9.65 -8.62 19.09
C ASP B 132 -11.02 -8.60 18.43
N PRO B 133 -11.76 -9.72 18.51
CA PRO B 133 -13.00 -9.85 17.73
C PRO B 133 -14.06 -8.82 18.12
N GLY B 134 -13.88 -8.16 19.26
CA GLY B 134 -14.83 -7.16 19.70
C GLY B 134 -14.47 -5.74 19.27
N ALA B 135 -13.28 -5.56 18.72
CA ALA B 135 -12.76 -4.21 18.44
C ALA B 135 -13.42 -3.58 17.21
N LEU B 136 -13.49 -2.26 17.20
CA LEU B 136 -13.94 -1.52 16.03
C LEU B 136 -13.02 -1.82 14.85
N MET B 137 -11.73 -1.99 15.14
CA MET B 137 -10.75 -2.24 14.08
C MET B 137 -10.65 -3.70 13.63
N PHE B 138 -11.48 -4.56 14.21
CA PHE B 138 -11.66 -5.92 13.70
C PHE B 138 -12.30 -5.84 12.31
N PRO B 139 -11.77 -6.62 11.34
CA PRO B 139 -12.14 -6.48 9.93
C PRO B 139 -13.45 -7.16 9.50
N ILE B 140 -14.48 -7.12 10.34
CA ILE B 140 -15.79 -7.64 9.95
C ILE B 140 -16.89 -6.65 10.31
N TYR B 141 -17.73 -6.28 9.35
CA TYR B 141 -18.83 -5.38 9.64
C TYR B 141 -19.89 -6.06 10.49
N THR B 142 -20.31 -5.39 11.56
CA THR B 142 -21.49 -5.77 12.30
C THR B 142 -22.26 -4.55 12.73
N TYR B 143 -23.57 -4.73 12.94
CA TYR B 143 -24.47 -3.67 13.36
C TYR B 143 -25.19 -4.12 14.62
N THR B 144 -25.00 -3.40 15.73
CA THR B 144 -25.57 -3.84 17.01
C THR B 144 -27.09 -3.65 17.14
N GLY B 145 -27.63 -2.66 16.44
CA GLY B 145 -29.04 -2.31 16.58
C GLY B 145 -29.29 -1.22 17.59
N LYS B 146 -28.30 -0.98 18.46
CA LYS B 146 -28.45 0.01 19.53
C LYS B 146 -28.13 1.42 19.01
N SER B 147 -28.81 2.42 19.56
CA SER B 147 -28.68 3.78 19.05
C SER B 147 -27.47 4.56 19.60
N HIS B 148 -26.67 3.90 20.43
CA HIS B 148 -25.45 4.48 21.00
C HIS B 148 -24.26 3.57 20.73
N PHE B 149 -23.08 4.17 20.59
CA PHE B 149 -21.86 3.41 20.31
C PHE B 149 -20.75 3.66 21.33
N MET B 150 -20.17 2.58 21.85
CA MET B 150 -19.05 2.67 22.79
C MET B 150 -17.77 2.18 22.15
N LEU B 151 -16.77 3.05 22.02
CA LEU B 151 -15.49 2.61 21.48
C LEU B 151 -14.87 1.58 22.43
N PRO B 152 -14.60 0.36 21.94
CA PRO B 152 -14.03 -0.69 22.78
C PRO B 152 -12.63 -0.34 23.29
N ASP B 153 -12.29 -0.85 24.47
CA ASP B 153 -11.02 -0.52 25.08
C ASP B 153 -9.82 -0.83 24.19
N ASP B 154 -9.94 -1.87 23.37
CA ASP B 154 -8.85 -2.24 22.48
C ASP B 154 -8.51 -1.14 21.50
N ASP B 155 -9.54 -0.47 20.99
CA ASP B 155 -9.34 0.64 20.06
C ASP B 155 -8.88 1.90 20.80
N VAL B 156 -9.38 2.09 22.02
CA VAL B 156 -8.96 3.21 22.83
C VAL B 156 -7.46 3.10 23.07
N GLN B 157 -7.02 1.92 23.49
CA GLN B 157 -5.59 1.70 23.75
C GLN B 157 -4.73 1.87 22.50
N GLY B 158 -5.24 1.42 21.36
CA GLY B 158 -4.50 1.53 20.12
C GLY B 158 -4.31 2.97 19.68
N ILE B 159 -5.40 3.72 19.64
CA ILE B 159 -5.32 5.10 19.19
C ILE B 159 -4.54 5.98 20.19
N GLN B 160 -4.67 5.68 21.48
CA GLN B 160 -3.97 6.46 22.50
C GLN B 160 -2.49 6.13 22.56
N SER B 161 -2.10 4.98 22.02
CA SER B 161 -0.70 4.61 21.95
C SER B 161 0.00 5.41 20.86
N LEU B 162 -0.80 5.97 19.95
CA LEU B 162 -0.27 6.83 18.90
C LEU B 162 -0.33 8.30 19.32
N TYR B 163 -1.43 8.71 19.93
CA TYR B 163 -1.72 10.13 20.15
C TYR B 163 -1.87 10.55 21.60
N GLY B 164 -1.95 9.58 22.50
CA GLY B 164 -2.21 9.87 23.90
C GLY B 164 -3.69 10.09 24.17
N PRO B 165 -4.06 10.30 25.44
CA PRO B 165 -5.44 10.52 25.85
C PRO B 165 -5.85 11.96 25.67
N GLY B 166 -7.16 12.21 25.67
CA GLY B 166 -7.67 13.55 25.49
C GLY B 166 -7.26 14.51 26.60
C10 4UM C . 18.96 0.34 -11.83
C11 4UM C . 25.25 -3.41 -10.36
C16 4UM C . 17.48 1.01 -13.57
C17 4UM C . 15.99 0.67 -13.49
C1 4UM C . 22.03 -1.60 -11.16
C2 4UM C . 22.20 -0.47 -10.34
C3 4UM C . 20.78 -1.47 -11.83
C4 4UM C . 23.04 -2.57 -11.17
N5 4UM C . 21.10 0.32 -10.52
C6 4UM C . 23.34 -0.31 -9.56
C7 4UM C . 20.22 -0.29 -11.41
C8 4UM C . 24.18 -2.41 -10.36
C9 4UM C . 24.31 -1.26 -9.57
O12 4UM C . 18.27 -0.04 -12.92
O13 4UM C . 18.56 1.30 -11.19
N14 4UM C . 26.03 -3.54 -11.45
O15 4UM C . 25.43 -4.14 -9.41
ZN ZN D . 14.86 2.38 -8.50
ZN ZN E . 4.06 0.45 -14.34
CA CA F . 12.03 -5.27 -25.90
CA CA G . 12.07 3.62 -21.84
CA CA H . 1.23 -6.87 -5.50
C10 4UM I . -15.40 -2.79 9.03
C11 4UM I . -19.15 -2.36 15.42
C16 4UM I . -13.95 -3.79 7.42
C17 4UM I . -14.59 -4.99 6.71
C1 4UM I . -17.33 -2.50 12.13
C2 4UM I . -16.23 -3.30 12.52
C3 4UM I . -17.16 -2.20 10.76
C4 4UM I . -18.31 -2.18 13.09
N5 4UM I . -15.44 -3.47 11.42
C6 4UM I . -16.11 -3.78 13.82
C7 4UM I . -16.01 -2.79 10.36
C8 4UM I . -18.15 -2.65 14.38
C9 4UM I . -17.07 -3.46 14.73
O12 4UM I . -14.45 -3.71 8.79
O13 4UM I . -15.77 -2.03 8.14
N14 4UM I . -20.45 -2.21 15.11
O15 4UM I . -18.78 -2.22 16.57
ZN ZN J . -10.19 -2.15 7.85
ZN ZN K . -9.80 4.50 -3.58
CA CA L . -24.86 3.05 -3.21
CA CA M . -17.84 -3.62 -3.23
CA CA N . -4.84 13.28 2.41
#